data_7WT2
#
_entry.id   7WT2
#
_cell.length_a   53.691
_cell.length_b   82.532
_cell.length_c   45.281
_cell.angle_alpha   90.000
_cell.angle_beta   93.850
_cell.angle_gamma   90.000
#
_symmetry.space_group_name_H-M   'P 1 21 1'
#
loop_
_entity.id
_entity.type
_entity.pdbx_description
1 polymer 'Lactoylglutathione lyase'
2 non-polymer 'ZINC ION'
3 non-polymer '(~{E})-3-(1,3-benzothiazol-2-yl)-4-(4-methoxyphenyl)but-3-enoic acid'
4 water water
#
_entity_poly.entity_id   1
_entity_poly.type   'polypeptide(L)'
_entity_poly.pdbx_seq_one_letter_code
;MAEPQPPSGGLTDEAALSCCSDADPSTKDFLLQQTMLRVKDPKKSLDFYTRVLGMTLIQKCDFPIMKFSLYFLAYEDKND
IPKEKDEKIAWALSRKATLELTHNWGTEDDETQSYHNGNSDPRGFGHIGIAVPDVYSACKRFEELGVKFVKKPDDGKMKG
LAFIQDPDGYWIEILNPNKMATLM
;
_entity_poly.pdbx_strand_id   A,B
#
loop_
_chem_comp.id
_chem_comp.type
_chem_comp.name
_chem_comp.formula
5ZO non-polymer '(~{E})-3-(1,3-benzothiazol-2-yl)-4-(4-methoxyphenyl)but-3-enoic acid' 'C18 H15 N O3 S'
ZN non-polymer 'ZINC ION' 'Zn 2'
#
# COMPACT_ATOMS: atom_id res chain seq x y z
N ALA A 2 -9.51 36.45 1.22
CA ALA A 2 -8.72 36.18 2.44
C ALA A 2 -7.38 36.92 2.35
N GLU A 3 -6.84 37.34 3.49
CA GLU A 3 -5.51 38.01 3.61
C GLU A 3 -4.41 36.98 3.41
N PRO A 4 -3.21 37.40 2.94
CA PRO A 4 -2.07 36.48 2.84
C PRO A 4 -1.63 36.03 4.25
N GLN A 5 -1.27 34.76 4.41
CA GLN A 5 -1.01 34.13 5.73
C GLN A 5 0.48 33.90 5.90
N PRO A 6 0.98 33.83 7.16
CA PRO A 6 2.34 33.36 7.43
C PRO A 6 2.46 31.93 6.91
N PRO A 7 3.69 31.38 6.75
CA PRO A 7 3.89 29.99 6.32
C PRO A 7 3.03 28.93 7.06
N SER A 8 2.53 27.95 6.27
CA SER A 8 1.75 26.76 6.73
C SER A 8 2.32 26.17 8.03
N GLY A 9 1.48 26.01 9.06
CA GLY A 9 1.72 25.13 10.22
C GLY A 9 0.96 23.81 10.10
N GLY A 10 0.64 23.39 8.87
CA GLY A 10 -0.25 22.23 8.64
C GLY A 10 -1.65 22.53 9.10
N LEU A 11 -2.51 21.52 9.20
CA LEU A 11 -3.91 21.63 9.69
C LEU A 11 -3.96 21.43 11.21
N THR A 12 -4.85 22.14 11.90
CA THR A 12 -5.28 21.81 13.29
C THR A 12 -6.15 20.55 13.22
N ASP A 13 -6.31 19.87 14.34
CA ASP A 13 -7.22 18.70 14.47
C ASP A 13 -8.62 19.13 14.00
N GLU A 14 -9.00 20.38 14.32
CA GLU A 14 -10.35 20.91 14.03
C GLU A 14 -10.45 21.16 12.52
N ALA A 15 -9.45 21.79 11.91
CA ALA A 15 -9.39 22.02 10.45
C ALA A 15 -9.48 20.67 9.72
N ALA A 16 -8.67 19.69 10.14
CA ALA A 16 -8.59 18.37 9.45
C ALA A 16 -9.98 17.74 9.48
N LEU A 17 -10.65 17.81 10.63
CA LEU A 17 -11.99 17.20 10.82
C LEU A 17 -13.04 17.89 9.94
N SER A 18 -12.94 19.20 9.73
CA SER A 18 -13.94 19.92 8.89
C SER A 18 -13.74 19.56 7.41
N CYS A 19 -12.61 18.92 7.06
CA CYS A 19 -12.30 18.40 5.70
C CYS A 19 -12.77 16.94 5.52
N CYS A 20 -13.27 16.30 6.57
CA CYS A 20 -13.72 14.89 6.56
C CYS A 20 -15.25 14.88 6.48
N SER A 21 -15.80 14.07 5.56
CA SER A 21 -17.23 13.66 5.54
C SER A 21 -17.37 12.25 6.13
N ASP A 22 -18.47 12.00 6.81
CA ASP A 22 -18.90 10.63 7.21
C ASP A 22 -19.05 9.78 5.96
N ALA A 23 -18.83 8.47 6.09
CA ALA A 23 -18.91 7.46 5.00
C ALA A 23 -20.33 7.40 4.44
N ASP A 24 -20.50 7.80 3.18
CA ASP A 24 -21.76 7.61 2.40
C ASP A 24 -22.16 6.13 2.42
N PRO A 25 -23.45 5.80 2.60
CA PRO A 25 -23.89 4.42 2.55
C PRO A 25 -23.45 3.67 1.28
N SER A 26 -23.28 4.35 0.16
CA SER A 26 -22.89 3.71 -1.13
C SER A 26 -21.49 3.09 -1.03
N THR A 27 -20.64 3.59 -0.14
CA THR A 27 -19.25 3.11 0.05
C THR A 27 -19.14 2.08 1.19
N LYS A 28 -20.24 1.68 1.82
CA LYS A 28 -20.20 0.99 3.15
C LYS A 28 -19.41 -0.35 3.09
N ASP A 29 -19.35 -1.06 1.94
CA ASP A 29 -18.63 -2.36 1.84
C ASP A 29 -17.26 -2.18 1.16
N PHE A 30 -16.79 -0.95 0.93
CA PHE A 30 -15.47 -0.69 0.30
C PHE A 30 -14.39 -1.16 1.26
N LEU A 31 -13.31 -1.76 0.75
CA LEU A 31 -12.16 -2.13 1.61
C LEU A 31 -10.87 -1.86 0.85
N LEU A 32 -9.81 -1.54 1.60
CA LEU A 32 -8.49 -1.22 1.01
C LEU A 32 -7.83 -2.56 0.78
N GLN A 33 -7.87 -3.02 -0.47
CA GLN A 33 -7.59 -4.44 -0.83
C GLN A 33 -6.09 -4.68 -1.15
N GLN A 34 -5.46 -3.75 -1.85
CA GLN A 34 -4.10 -3.99 -2.39
C GLN A 34 -3.26 -2.72 -2.43
N THR A 35 -1.94 -2.94 -2.40
CA THR A 35 -0.87 -1.99 -2.77
C THR A 35 -0.02 -2.71 -3.82
N MET A 36 0.22 -2.10 -4.98
CA MET A 36 0.93 -2.73 -6.12
C MET A 36 2.34 -2.14 -6.21
N LEU A 37 3.35 -3.02 -6.23
CA LEU A 37 4.78 -2.67 -6.44
C LEU A 37 5.31 -3.50 -7.62
N ARG A 38 6.07 -2.87 -8.50
CA ARG A 38 6.77 -3.57 -9.61
C ARG A 38 8.07 -4.17 -9.07
N VAL A 39 8.33 -5.44 -9.41
CA VAL A 39 9.51 -6.19 -8.91
C VAL A 39 10.30 -6.69 -10.14
N LYS A 40 11.61 -6.47 -10.10
CA LYS A 40 12.57 -6.87 -11.16
C LYS A 40 12.60 -8.39 -11.30
N ASP A 41 12.61 -9.11 -10.15
CA ASP A 41 12.88 -10.57 -10.09
C ASP A 41 11.96 -11.23 -9.08
N PRO A 42 10.90 -11.92 -9.52
CA PRO A 42 9.93 -12.52 -8.58
C PRO A 42 10.51 -13.65 -7.72
N LYS A 43 11.56 -14.34 -8.19
CA LYS A 43 12.24 -15.36 -7.38
C LYS A 43 12.71 -14.72 -6.06
N LYS A 44 13.46 -13.61 -6.17
CA LYS A 44 14.01 -12.89 -5.00
C LYS A 44 12.87 -12.31 -4.16
N SER A 45 11.84 -11.73 -4.81
CA SER A 45 10.76 -11.02 -4.08
C SER A 45 9.93 -12.03 -3.31
N LEU A 46 9.60 -13.16 -3.93
CA LEU A 46 8.81 -14.25 -3.25
C LEU A 46 9.55 -14.78 -2.02
N ASP A 47 10.85 -15.04 -2.16
CA ASP A 47 11.69 -15.55 -1.05
C ASP A 47 11.67 -14.56 0.11
N PHE A 48 11.93 -13.28 -0.17
CA PHE A 48 11.91 -12.18 0.83
C PHE A 48 10.54 -12.12 1.54
N TYR A 49 9.46 -11.94 0.78
CA TYR A 49 8.12 -11.67 1.38
C TYR A 49 7.60 -12.91 2.11
N THR A 50 7.88 -14.13 1.63
CA THR A 50 7.40 -15.35 2.32
C THR A 50 8.35 -15.77 3.46
N ARG A 51 9.63 -15.96 3.18
CA ARG A 51 10.58 -16.51 4.18
C ARG A 51 10.94 -15.43 5.21
N VAL A 52 11.36 -14.26 4.76
CA VAL A 52 11.87 -13.21 5.67
C VAL A 52 10.67 -12.57 6.39
N LEU A 53 9.58 -12.21 5.70
CA LEU A 53 8.49 -11.42 6.35
C LEU A 53 7.28 -12.26 6.74
N GLY A 54 7.22 -13.54 6.34
CA GLY A 54 6.17 -14.50 6.75
C GLY A 54 4.83 -14.27 6.08
N MET A 55 4.82 -13.64 4.91
CA MET A 55 3.57 -13.51 4.12
C MET A 55 3.31 -14.81 3.36
N THR A 56 2.08 -15.04 2.92
CA THR A 56 1.65 -16.22 2.14
C THR A 56 1.34 -15.76 0.71
N LEU A 57 1.82 -16.46 -0.31
CA LEU A 57 1.38 -16.23 -1.72
C LEU A 57 -0.04 -16.77 -1.86
N ILE A 58 -1.05 -15.91 -2.06
CA ILE A 58 -2.47 -16.34 -2.04
C ILE A 58 -3.01 -16.44 -3.48
N GLN A 59 -2.30 -15.88 -4.47
CA GLN A 59 -2.77 -15.91 -5.87
C GLN A 59 -1.65 -15.50 -6.82
N LYS A 60 -1.50 -16.23 -7.91
CA LYS A 60 -0.56 -15.89 -9.00
C LYS A 60 -1.37 -15.80 -10.29
N CYS A 61 -1.22 -14.72 -11.05
CA CYS A 61 -1.89 -14.53 -12.36
C CYS A 61 -0.85 -14.29 -13.45
N ASP A 62 -0.92 -15.08 -14.52
CA ASP A 62 0.00 -14.99 -15.68
C ASP A 62 -0.77 -14.52 -16.91
N PHE A 63 -0.16 -13.63 -17.69
CA PHE A 63 -0.75 -13.01 -18.90
C PHE A 63 0.22 -13.31 -20.05
N PRO A 64 0.15 -14.53 -20.64
CA PRO A 64 1.13 -15.00 -21.62
C PRO A 64 1.32 -14.02 -22.79
N ILE A 65 0.25 -13.39 -23.25
CA ILE A 65 0.30 -12.55 -24.48
C ILE A 65 0.92 -11.19 -24.12
N MET A 66 0.42 -10.50 -23.09
CA MET A 66 0.97 -9.18 -22.69
C MET A 66 2.34 -9.34 -22.01
N LYS A 67 2.66 -10.54 -21.47
CA LYS A 67 3.99 -10.90 -20.90
C LYS A 67 4.24 -10.21 -19.54
N PHE A 68 3.38 -10.47 -18.57
CA PHE A 68 3.62 -10.04 -17.16
C PHE A 68 2.88 -11.03 -16.25
N SER A 69 3.32 -11.10 -14.99
CA SER A 69 2.67 -11.88 -13.91
C SER A 69 2.32 -10.94 -12.75
N LEU A 70 1.25 -11.26 -12.04
CA LEU A 70 0.83 -10.61 -10.78
C LEU A 70 0.95 -11.64 -9.67
N TYR A 71 1.58 -11.27 -8.55
CA TYR A 71 1.68 -12.10 -7.34
C TYR A 71 0.99 -11.36 -6.20
N PHE A 72 0.05 -12.03 -5.55
CA PHE A 72 -0.69 -11.47 -4.39
C PHE A 72 -0.16 -12.11 -3.13
N LEU A 73 0.39 -11.28 -2.25
CA LEU A 73 0.92 -11.72 -0.93
C LEU A 73 0.06 -11.14 0.19
N ALA A 74 -0.11 -11.90 1.26
CA ALA A 74 -0.96 -11.46 2.39
C ALA A 74 -0.59 -12.24 3.65
N TYR A 75 -0.93 -11.68 4.79
CA TYR A 75 -0.87 -12.38 6.07
C TYR A 75 -2.18 -13.12 6.21
N GLU A 76 -2.22 -14.32 5.62
CA GLU A 76 -3.36 -15.27 5.62
C GLU A 76 -2.78 -16.63 5.94
N ASP A 77 -3.58 -17.44 6.63
CA ASP A 77 -3.31 -18.87 6.88
C ASP A 77 -3.43 -19.61 5.54
N LYS A 78 -2.36 -20.27 5.10
CA LYS A 78 -2.37 -20.98 3.80
C LYS A 78 -3.54 -21.99 3.76
N ASN A 79 -4.03 -22.48 4.90
CA ASN A 79 -5.16 -23.46 4.91
C ASN A 79 -6.45 -22.77 4.55
N ASP A 80 -6.53 -21.43 4.55
CA ASP A 80 -7.78 -20.71 4.21
C ASP A 80 -7.90 -20.48 2.71
N ILE A 81 -6.83 -20.73 1.94
CA ILE A 81 -6.80 -20.48 0.46
C ILE A 81 -7.70 -21.53 -0.21
N PRO A 82 -8.86 -21.17 -0.80
CA PRO A 82 -9.65 -22.17 -1.52
C PRO A 82 -8.79 -22.89 -2.57
N LYS A 83 -9.10 -24.15 -2.91
CA LYS A 83 -8.28 -24.94 -3.90
C LYS A 83 -8.77 -24.68 -5.33
N GLU A 84 -10.07 -24.47 -5.54
CA GLU A 84 -10.67 -24.26 -6.89
C GLU A 84 -10.41 -22.83 -7.37
N LYS A 85 -10.01 -22.70 -8.63
CA LYS A 85 -9.40 -21.50 -9.27
C LYS A 85 -10.27 -20.26 -9.09
N ASP A 86 -11.55 -20.33 -9.46
CA ASP A 86 -12.47 -19.16 -9.45
C ASP A 86 -12.73 -18.71 -8.00
N GLU A 87 -13.05 -19.63 -7.09
CA GLU A 87 -13.29 -19.34 -5.66
C GLU A 87 -11.98 -18.78 -5.04
N LYS A 88 -10.84 -19.29 -5.45
CA LYS A 88 -9.53 -18.84 -4.93
C LYS A 88 -9.31 -17.36 -5.25
N ILE A 89 -9.53 -16.96 -6.50
CA ILE A 89 -9.25 -15.59 -7.01
C ILE A 89 -10.19 -14.65 -6.27
N ALA A 90 -11.47 -15.01 -6.17
CA ALA A 90 -12.52 -14.22 -5.50
C ALA A 90 -12.18 -14.05 -4.01
N TRP A 91 -11.68 -15.09 -3.36
CA TRP A 91 -11.26 -14.99 -1.94
C TRP A 91 -9.97 -14.13 -1.84
N ALA A 92 -8.97 -14.38 -2.69
CA ALA A 92 -7.67 -13.65 -2.62
C ALA A 92 -7.90 -12.15 -2.80
N LEU A 93 -8.72 -11.77 -3.78
CA LEU A 93 -8.88 -10.36 -4.21
C LEU A 93 -9.98 -9.67 -3.40
N SER A 94 -10.52 -10.36 -2.37
CA SER A 94 -11.39 -9.74 -1.34
C SER A 94 -10.68 -9.75 0.01
N ARG A 95 -9.39 -10.15 0.08
CA ARG A 95 -8.64 -10.03 1.36
C ARG A 95 -8.25 -8.55 1.55
N LYS A 96 -8.34 -8.06 2.77
CA LYS A 96 -7.78 -6.71 3.12
C LYS A 96 -6.27 -6.83 3.09
N ALA A 97 -5.57 -5.73 2.85
CA ALA A 97 -4.14 -5.60 3.17
C ALA A 97 -3.33 -6.63 2.39
N THR A 98 -3.52 -6.72 1.08
CA THR A 98 -2.67 -7.56 0.21
C THR A 98 -1.62 -6.70 -0.49
N LEU A 99 -0.52 -7.35 -0.83
CA LEU A 99 0.58 -6.76 -1.59
C LEU A 99 0.60 -7.44 -2.95
N GLU A 100 0.48 -6.64 -4.00
CA GLU A 100 0.45 -7.10 -5.41
C GLU A 100 1.82 -6.79 -6.03
N LEU A 101 2.58 -7.80 -6.40
CA LEU A 101 3.89 -7.63 -7.06
C LEU A 101 3.70 -7.84 -8.55
N THR A 102 4.09 -6.86 -9.36
CA THR A 102 3.99 -6.92 -10.83
C THR A 102 5.34 -7.32 -11.39
N HIS A 103 5.41 -8.45 -12.12
CA HIS A 103 6.65 -8.86 -12.84
C HIS A 103 6.43 -8.66 -14.34
N ASN A 104 7.05 -7.63 -14.90
CA ASN A 104 7.14 -7.43 -16.36
C ASN A 104 8.22 -8.38 -16.89
N TRP A 105 7.83 -9.49 -17.51
CA TRP A 105 8.76 -10.57 -17.97
C TRP A 105 10.01 -9.94 -18.58
N GLY A 106 11.19 -10.43 -18.22
CA GLY A 106 12.47 -10.06 -18.87
C GLY A 106 13.28 -9.11 -18.02
N THR A 107 12.65 -8.34 -17.12
CA THR A 107 13.38 -7.36 -16.28
C THR A 107 14.46 -8.06 -15.45
N GLU A 108 14.27 -9.33 -15.09
CA GLU A 108 15.29 -10.10 -14.31
C GLU A 108 16.55 -10.35 -15.16
N ASP A 109 16.49 -10.22 -16.49
CA ASP A 109 17.60 -10.55 -17.45
C ASP A 109 18.27 -9.27 -17.95
N ASP A 110 17.94 -8.11 -17.35
CA ASP A 110 18.34 -6.76 -17.82
C ASP A 110 19.22 -6.11 -16.75
N GLU A 111 20.55 -6.16 -16.95
CA GLU A 111 21.62 -5.71 -16.02
C GLU A 111 21.34 -4.31 -15.45
N THR A 112 20.84 -3.41 -16.28
CA THR A 112 20.74 -1.96 -16.02
C THR A 112 19.44 -1.61 -15.27
N GLN A 113 18.32 -2.21 -15.69
CA GLN A 113 16.94 -1.95 -15.18
C GLN A 113 16.91 -2.05 -13.64
N SER A 114 16.29 -1.06 -13.01
CA SER A 114 15.83 -1.16 -11.60
C SER A 114 14.62 -0.25 -11.43
N TYR A 115 13.79 -0.58 -10.47
CA TYR A 115 12.58 0.22 -10.17
C TYR A 115 13.00 1.28 -9.15
N HIS A 116 12.20 2.32 -9.04
CA HIS A 116 12.44 3.50 -8.18
C HIS A 116 11.55 3.39 -6.94
N ASN A 117 12.13 3.59 -5.76
CA ASN A 117 11.45 3.30 -4.48
C ASN A 117 10.62 4.50 -4.01
N GLY A 118 10.68 5.63 -4.72
CA GLY A 118 9.91 6.85 -4.39
C GLY A 118 10.49 7.69 -3.25
N ASN A 119 11.68 7.37 -2.72
CA ASN A 119 12.26 8.10 -1.55
C ASN A 119 13.44 8.97 -1.99
N SER A 120 13.72 9.06 -3.29
CA SER A 120 14.60 10.11 -3.89
C SER A 120 13.84 10.75 -5.06
N ASP A 121 14.23 11.95 -5.51
CA ASP A 121 13.55 12.64 -6.64
C ASP A 121 13.37 11.70 -7.83
N PRO A 122 12.17 11.62 -8.42
CA PRO A 122 10.97 12.28 -7.91
C PRO A 122 10.27 11.43 -6.84
N ARG A 123 9.92 12.03 -5.70
CA ARG A 123 9.28 11.32 -4.56
C ARG A 123 7.77 11.20 -4.78
N GLY A 124 7.16 10.19 -4.16
CA GLY A 124 5.69 10.04 -4.04
C GLY A 124 5.36 8.98 -2.98
N PHE A 125 5.14 7.75 -3.41
CA PHE A 125 5.10 6.56 -2.54
C PHE A 125 6.36 6.55 -1.66
N GLY A 126 6.23 6.19 -0.40
CA GLY A 126 7.39 6.09 0.49
C GLY A 126 7.67 4.67 0.95
N HIS A 127 6.66 3.97 1.46
CA HIS A 127 6.89 2.67 2.12
C HIS A 127 5.59 1.91 2.31
N ILE A 128 5.72 0.61 2.52
CA ILE A 128 4.68 -0.18 3.24
C ILE A 128 5.18 -0.29 4.68
N GLY A 129 4.30 -0.69 5.59
CA GLY A 129 4.66 -0.87 7.01
C GLY A 129 4.04 -2.15 7.54
N ILE A 130 4.84 -2.91 8.26
CA ILE A 130 4.46 -4.17 8.95
C ILE A 130 4.43 -3.88 10.44
N ALA A 131 3.30 -4.13 11.10
CA ALA A 131 3.16 -4.06 12.57
C ALA A 131 3.57 -5.40 13.14
N VAL A 132 4.46 -5.38 14.15
CA VAL A 132 5.06 -6.59 14.75
C VAL A 132 4.91 -6.48 16.27
N PRO A 133 4.89 -7.60 17.00
CA PRO A 133 4.84 -7.52 18.46
C PRO A 133 6.15 -7.01 19.08
N ASP A 134 7.31 -7.19 18.42
CA ASP A 134 8.63 -6.79 18.99
C ASP A 134 9.58 -6.37 17.87
N VAL A 135 9.86 -5.07 17.76
CA VAL A 135 10.70 -4.52 16.68
C VAL A 135 12.14 -5.06 16.84
N TYR A 136 12.64 -5.22 18.06
CA TYR A 136 14.07 -5.55 18.29
C TYR A 136 14.32 -7.02 17.93
N SER A 137 13.46 -7.94 18.33
CA SER A 137 13.62 -9.37 17.98
C SER A 137 13.42 -9.57 16.46
N ALA A 138 12.43 -8.89 15.86
CA ALA A 138 12.16 -8.99 14.41
C ALA A 138 13.39 -8.52 13.65
N CYS A 139 13.95 -7.39 14.06
CA CYS A 139 15.16 -6.79 13.42
C CYS A 139 16.41 -7.64 13.64
N LYS A 140 16.58 -8.24 14.81
CA LYS A 140 17.70 -9.19 15.08
C LYS A 140 17.62 -10.34 14.07
N ARG A 141 16.43 -10.89 13.85
CA ARG A 141 16.22 -11.98 12.86
C ARG A 141 16.53 -11.43 11.46
N PHE A 142 16.07 -10.23 11.12
CA PHE A 142 16.30 -9.64 9.77
C PHE A 142 17.82 -9.54 9.57
N GLU A 143 18.57 -9.05 10.57
CA GLU A 143 20.05 -8.93 10.51
C GLU A 143 20.65 -10.31 10.20
N GLU A 144 20.21 -11.35 10.92
CA GLU A 144 20.76 -12.72 10.77
C GLU A 144 20.44 -13.25 9.36
N LEU A 145 19.36 -12.78 8.75
CA LEU A 145 18.95 -13.27 7.40
C LEU A 145 19.50 -12.39 6.28
N GLY A 146 20.43 -11.47 6.58
CA GLY A 146 21.12 -10.66 5.55
C GLY A 146 20.26 -9.53 5.01
N VAL A 147 19.19 -9.15 5.71
CA VAL A 147 18.27 -8.08 5.24
C VAL A 147 19.00 -6.73 5.30
N LYS A 148 18.90 -5.93 4.25
CA LYS A 148 19.47 -4.56 4.18
C LYS A 148 18.53 -3.61 4.94
N PHE A 149 19.11 -2.77 5.81
CA PHE A 149 18.39 -1.77 6.63
C PHE A 149 18.53 -0.37 6.01
N VAL A 150 17.46 0.40 6.02
CA VAL A 150 17.47 1.87 5.81
C VAL A 150 17.68 2.55 7.18
N LYS A 151 17.06 2.00 8.23
CA LYS A 151 17.12 2.56 9.59
C LYS A 151 17.01 1.42 10.59
N LYS A 152 18.09 1.19 11.33
CA LYS A 152 18.09 0.28 12.50
C LYS A 152 17.20 0.90 13.58
N PRO A 153 16.52 0.07 14.40
CA PRO A 153 15.56 0.57 15.37
C PRO A 153 16.10 1.67 16.30
N ASP A 154 17.38 1.61 16.69
CA ASP A 154 17.99 2.56 17.67
C ASP A 154 18.87 3.59 16.95
N ASP A 155 18.86 3.64 15.62
CA ASP A 155 19.52 4.74 14.87
C ASP A 155 18.49 5.84 14.60
N GLY A 156 18.91 7.11 14.60
CA GLY A 156 18.10 8.30 14.26
C GLY A 156 17.32 8.80 15.46
N LYS A 157 16.47 9.80 15.28
CA LYS A 157 15.78 10.46 16.42
C LYS A 157 14.70 9.54 17.01
N MET A 158 13.90 8.88 16.16
CA MET A 158 12.75 8.07 16.66
C MET A 158 13.19 6.61 16.84
N LYS A 159 13.43 6.20 18.09
CA LYS A 159 13.98 4.87 18.43
C LYS A 159 12.80 3.92 18.60
N GLY A 160 13.01 2.63 18.34
CA GLY A 160 11.97 1.61 18.47
C GLY A 160 11.18 1.49 17.18
N LEU A 161 11.67 2.11 16.11
CA LEU A 161 11.06 2.05 14.76
C LEU A 161 12.16 1.75 13.75
N ALA A 162 11.94 0.81 12.84
CA ALA A 162 12.95 0.40 11.83
C ALA A 162 12.40 0.56 10.40
N PHE A 163 13.31 0.71 9.43
CA PHE A 163 13.01 0.57 7.99
C PHE A 163 14.02 -0.43 7.41
N ILE A 164 13.50 -1.45 6.73
CA ILE A 164 14.33 -2.39 5.93
C ILE A 164 14.03 -2.12 4.45
N GLN A 165 14.72 -2.79 3.55
CA GLN A 165 14.36 -2.69 2.13
C GLN A 165 14.23 -4.10 1.56
N ASP A 166 13.35 -4.22 0.59
CA ASP A 166 13.08 -5.48 -0.10
C ASP A 166 14.11 -5.58 -1.23
N PRO A 167 14.15 -6.72 -1.94
CA PRO A 167 15.10 -6.90 -3.05
C PRO A 167 15.08 -5.80 -4.13
N ASP A 168 13.97 -5.07 -4.30
CA ASP A 168 13.95 -3.97 -5.30
C ASP A 168 14.41 -2.66 -4.65
N GLY A 169 14.67 -2.63 -3.35
CA GLY A 169 15.00 -1.38 -2.65
C GLY A 169 13.78 -0.62 -2.15
N TYR A 170 12.56 -1.18 -2.18
CA TYR A 170 11.38 -0.54 -1.55
C TYR A 170 11.59 -0.57 -0.03
N TRP A 171 11.25 0.52 0.63
CA TRP A 171 11.31 0.67 2.11
C TRP A 171 10.11 -0.02 2.74
N ILE A 172 10.39 -0.69 3.84
CA ILE A 172 9.36 -1.34 4.68
C ILE A 172 9.60 -0.92 6.11
N GLU A 173 8.63 -0.18 6.66
CA GLU A 173 8.58 0.23 8.07
C GLU A 173 8.29 -1.01 8.92
N ILE A 174 9.03 -1.16 10.01
CA ILE A 174 8.80 -2.22 11.02
C ILE A 174 8.45 -1.52 12.32
N LEU A 175 7.21 -1.65 12.77
CA LEU A 175 6.63 -0.82 13.86
C LEU A 175 5.89 -1.70 14.87
N ASN A 176 5.96 -1.29 16.13
CA ASN A 176 5.13 -1.84 17.21
C ASN A 176 4.04 -0.81 17.50
N PRO A 177 2.75 -1.08 17.16
CA PRO A 177 1.68 -0.12 17.40
C PRO A 177 1.66 0.41 18.86
N ASN A 178 2.08 -0.40 19.84
CA ASN A 178 2.06 -0.04 21.28
C ASN A 178 3.22 0.88 21.63
N LYS A 179 4.16 1.13 20.72
CA LYS A 179 5.33 2.00 21.03
C LYS A 179 5.28 3.31 20.23
N MET A 180 4.26 3.56 19.41
CA MET A 180 4.27 4.72 18.47
C MET A 180 3.88 6.00 19.20
N ALA A 181 3.00 5.89 20.20
CA ALA A 181 2.59 7.02 21.07
C ALA A 181 3.82 7.68 21.71
N THR A 182 4.87 6.91 22.02
CA THR A 182 6.12 7.38 22.68
C THR A 182 7.03 8.16 21.71
N LEU A 183 6.61 8.38 20.46
CA LEU A 183 7.39 9.15 19.44
C LEU A 183 6.73 10.50 19.11
N MET A 184 5.44 10.68 19.44
CA MET A 184 4.65 11.89 19.10
C MET A 184 5.33 13.15 19.66
N ALA B 2 23.66 -24.97 -15.23
CA ALA B 2 25.00 -24.68 -15.77
C ALA B 2 24.88 -24.18 -17.22
N GLU B 3 23.98 -24.77 -18.03
CA GLU B 3 23.75 -24.37 -19.44
C GLU B 3 22.97 -23.07 -19.51
N PRO B 4 23.22 -22.20 -20.52
CA PRO B 4 22.32 -21.09 -20.81
C PRO B 4 20.96 -21.64 -21.27
N GLN B 5 19.85 -21.04 -20.83
CA GLN B 5 18.47 -21.52 -21.12
C GLN B 5 17.83 -20.57 -22.13
N PRO B 6 16.83 -21.04 -22.92
CA PRO B 6 16.04 -20.15 -23.77
C PRO B 6 15.28 -19.18 -22.87
N PRO B 7 14.83 -18.02 -23.39
CA PRO B 7 14.00 -17.11 -22.60
C PRO B 7 12.84 -17.86 -21.92
N SER B 8 12.87 -17.87 -20.59
CA SER B 8 11.93 -18.61 -19.71
C SER B 8 10.49 -18.23 -20.11
N GLY B 9 10.20 -16.93 -20.06
CA GLY B 9 8.83 -16.37 -19.95
C GLY B 9 8.57 -16.01 -18.50
N GLY B 10 7.33 -16.11 -18.02
CA GLY B 10 7.04 -15.95 -16.58
C GLY B 10 7.60 -17.12 -15.80
N LEU B 11 7.61 -17.03 -14.46
CA LEU B 11 7.70 -18.22 -13.56
C LEU B 11 6.49 -19.13 -13.80
N THR B 12 6.69 -20.45 -13.77
CA THR B 12 5.59 -21.44 -13.63
C THR B 12 5.07 -21.36 -12.19
N ASP B 13 3.85 -21.84 -11.98
CA ASP B 13 3.24 -22.01 -10.64
C ASP B 13 4.22 -22.76 -9.74
N GLU B 14 4.89 -23.77 -10.31
CA GLU B 14 5.77 -24.70 -9.56
C GLU B 14 7.06 -23.94 -9.20
N ALA B 15 7.66 -23.22 -10.15
CA ALA B 15 8.86 -22.38 -9.89
C ALA B 15 8.53 -21.36 -8.78
N ALA B 16 7.40 -20.66 -8.89
CA ALA B 16 7.02 -19.59 -7.94
C ALA B 16 6.94 -20.20 -6.53
N LEU B 17 6.30 -21.36 -6.44
CA LEU B 17 6.06 -22.05 -5.14
C LEU B 17 7.39 -22.55 -4.56
N SER B 18 8.36 -22.96 -5.38
CA SER B 18 9.67 -23.42 -4.85
C SER B 18 10.46 -22.25 -4.27
N CYS B 19 10.05 -21.00 -4.55
CA CYS B 19 10.64 -19.76 -3.99
C CYS B 19 9.93 -19.31 -2.70
N CYS B 20 8.83 -19.96 -2.33
CA CYS B 20 7.98 -19.59 -1.18
C CYS B 20 8.28 -20.52 -0.01
N SER B 21 8.55 -19.97 1.17
CA SER B 21 8.66 -20.69 2.46
C SER B 21 7.40 -20.42 3.28
N ASP B 22 6.97 -21.43 4.04
CA ASP B 22 5.93 -21.30 5.09
C ASP B 22 6.36 -20.21 6.09
N ALA B 23 5.37 -19.56 6.69
CA ALA B 23 5.50 -18.54 7.76
C ALA B 23 6.25 -19.11 8.97
N ASP B 24 7.47 -18.61 9.23
CA ASP B 24 8.22 -18.86 10.50
C ASP B 24 7.33 -18.45 11.67
N PRO B 25 7.28 -19.24 12.76
CA PRO B 25 6.46 -18.86 13.92
C PRO B 25 6.80 -17.48 14.48
N SER B 26 8.03 -16.99 14.33
CA SER B 26 8.43 -15.64 14.80
C SER B 26 7.64 -14.51 14.11
N THR B 27 7.13 -14.75 12.89
CA THR B 27 6.36 -13.76 12.11
C THR B 27 4.84 -13.89 12.30
N LYS B 28 4.36 -14.81 13.13
CA LYS B 28 2.92 -15.24 13.13
C LYS B 28 1.95 -14.06 13.40
N ASP B 29 2.33 -13.02 14.16
CA ASP B 29 1.41 -11.88 14.48
C ASP B 29 1.76 -10.63 13.63
N PHE B 30 2.63 -10.75 12.63
CA PHE B 30 2.93 -9.65 11.68
C PHE B 30 1.65 -9.32 10.90
N LEU B 31 1.37 -8.04 10.64
CA LEU B 31 0.25 -7.68 9.73
C LEU B 31 0.68 -6.53 8.83
N LEU B 32 0.11 -6.49 7.62
CA LEU B 32 0.40 -5.41 6.64
C LEU B 32 -0.47 -4.21 7.03
N GLN B 33 0.16 -3.25 7.68
CA GLN B 33 -0.49 -2.20 8.48
C GLN B 33 -0.74 -0.94 7.64
N GLN B 34 0.20 -0.54 6.80
CA GLN B 34 0.14 0.77 6.13
C GLN B 34 0.79 0.77 4.75
N THR B 35 0.29 1.69 3.94
CA THR B 35 0.90 2.18 2.67
C THR B 35 1.07 3.68 2.80
N MET B 36 2.27 4.23 2.61
CA MET B 36 2.54 5.68 2.79
C MET B 36 2.62 6.37 1.42
N LEU B 37 1.83 7.43 1.24
CA LEU B 37 1.86 8.30 0.05
C LEU B 37 2.06 9.73 0.55
N ARG B 38 2.92 10.49 -0.13
CA ARG B 38 3.08 11.94 0.09
C ARG B 38 1.97 12.70 -0.64
N VAL B 39 1.35 13.66 0.06
CA VAL B 39 0.20 14.45 -0.46
C VAL B 39 0.56 15.94 -0.38
N LYS B 40 0.36 16.65 -1.48
CA LYS B 40 0.67 18.11 -1.61
C LYS B 40 -0.21 18.92 -0.65
N ASP B 41 -1.48 18.58 -0.54
CA ASP B 41 -2.53 19.39 0.13
C ASP B 41 -3.48 18.46 0.87
N PRO B 42 -3.35 18.35 2.21
CA PRO B 42 -4.20 17.44 2.98
C PRO B 42 -5.67 17.82 2.97
N LYS B 43 -6.01 19.08 2.76
CA LYS B 43 -7.44 19.51 2.67
C LYS B 43 -8.09 18.72 1.52
N LYS B 44 -7.47 18.72 0.35
CA LYS B 44 -7.99 18.04 -0.86
C LYS B 44 -7.97 16.52 -0.64
N SER B 45 -6.88 15.99 -0.06
CA SER B 45 -6.70 14.52 0.11
C SER B 45 -7.72 14.00 1.10
N LEU B 46 -7.97 14.73 2.19
CA LEU B 46 -8.94 14.32 3.23
C LEU B 46 -10.35 14.28 2.65
N ASP B 47 -10.69 15.30 1.88
CA ASP B 47 -12.04 15.40 1.25
C ASP B 47 -12.23 14.19 0.29
N PHE B 48 -11.27 13.95 -0.57
CA PHE B 48 -11.25 12.80 -1.52
C PHE B 48 -11.41 11.47 -0.76
N TYR B 49 -10.49 11.15 0.15
CA TYR B 49 -10.45 9.79 0.79
C TYR B 49 -11.67 9.61 1.69
N THR B 50 -12.17 10.65 2.35
CA THR B 50 -13.34 10.47 3.25
C THR B 50 -14.65 10.57 2.46
N ARG B 51 -14.87 11.65 1.71
CA ARG B 51 -16.19 11.89 1.06
C ARG B 51 -16.31 11.00 -0.18
N VAL B 52 -15.31 10.99 -1.05
CA VAL B 52 -15.38 10.25 -2.33
C VAL B 52 -15.23 8.75 -2.05
N LEU B 53 -14.25 8.31 -1.23
CA LEU B 53 -13.95 6.85 -1.10
C LEU B 53 -14.52 6.23 0.18
N GLY B 54 -15.06 7.02 1.11
CA GLY B 54 -15.75 6.49 2.31
C GLY B 54 -14.80 6.01 3.40
N MET B 55 -13.54 6.44 3.37
CA MET B 55 -12.58 6.10 4.45
C MET B 55 -12.81 7.01 5.66
N THR B 56 -12.33 6.59 6.83
CA THR B 56 -12.38 7.36 8.10
C THR B 56 -10.96 7.82 8.45
N LEU B 57 -10.77 9.10 8.81
CA LEU B 57 -9.49 9.56 9.42
C LEU B 57 -9.41 9.02 10.86
N ILE B 58 -8.48 8.11 11.16
CA ILE B 58 -8.48 7.36 12.46
C ILE B 58 -7.37 7.91 13.37
N GLN B 59 -6.41 8.62 12.79
CA GLN B 59 -5.30 9.21 13.58
C GLN B 59 -4.64 10.32 12.77
N LYS B 60 -4.37 11.44 13.42
CA LYS B 60 -3.57 12.55 12.84
C LYS B 60 -2.37 12.77 13.76
N CYS B 61 -1.16 12.82 13.22
CA CYS B 61 0.08 13.10 14.00
C CYS B 61 0.81 14.31 13.41
N ASP B 62 1.13 15.29 14.27
CA ASP B 62 1.83 16.53 13.88
C ASP B 62 3.22 16.53 14.51
N PHE B 63 4.21 16.99 13.75
CA PHE B 63 5.63 17.05 14.15
C PHE B 63 6.06 18.51 14.01
N PRO B 64 5.75 19.35 15.04
CA PRO B 64 5.96 20.80 14.94
C PRO B 64 7.38 21.17 14.52
N ILE B 65 8.41 20.44 14.99
CA ILE B 65 9.83 20.86 14.77
C ILE B 65 10.23 20.48 13.34
N MET B 66 10.04 19.22 12.93
CA MET B 66 10.42 18.79 11.56
C MET B 66 9.44 19.36 10.52
N LYS B 67 8.23 19.76 10.92
CA LYS B 67 7.22 20.46 10.08
C LYS B 67 6.60 19.48 9.05
N PHE B 68 5.95 18.43 9.52
CA PHE B 68 5.16 17.52 8.65
C PHE B 68 4.05 16.94 9.51
N SER B 69 2.99 16.49 8.86
CA SER B 69 1.87 15.76 9.49
C SER B 69 1.71 14.39 8.84
N LEU B 70 1.25 13.42 9.61
CA LEU B 70 0.84 12.07 9.14
C LEU B 70 -0.67 11.95 9.34
N TYR B 71 -1.38 11.52 8.32
CA TYR B 71 -2.83 11.24 8.40
C TYR B 71 -3.03 9.76 8.11
N PHE B 72 -3.70 9.06 9.01
CA PHE B 72 -4.01 7.62 8.84
C PHE B 72 -5.48 7.51 8.47
N LEU B 73 -5.73 6.96 7.28
CA LEU B 73 -7.10 6.68 6.79
C LEU B 73 -7.32 5.18 6.72
N ALA B 74 -8.53 4.74 7.01
CA ALA B 74 -8.87 3.30 6.98
C ALA B 74 -10.38 3.12 6.82
N TYR B 75 -10.78 1.93 6.41
CA TYR B 75 -12.21 1.56 6.46
C TYR B 75 -12.48 1.01 7.85
N GLU B 76 -12.76 1.92 8.79
CA GLU B 76 -13.11 1.64 10.21
C GLU B 76 -14.35 2.46 10.59
N ASP B 77 -15.18 1.95 11.49
CA ASP B 77 -16.33 2.68 12.11
C ASP B 77 -15.76 3.79 12.99
N LYS B 78 -16.09 5.06 12.73
CA LYS B 78 -15.54 6.18 13.55
C LYS B 78 -15.91 5.97 15.03
N ASN B 79 -16.96 5.23 15.35
CA ASN B 79 -17.33 4.95 16.77
C ASN B 79 -16.35 3.98 17.41
N ASP B 80 -15.49 3.30 16.64
CA ASP B 80 -14.49 2.37 17.24
C ASP B 80 -13.19 3.10 17.59
N ILE B 81 -13.05 4.38 17.26
CA ILE B 81 -11.83 5.16 17.55
C ILE B 81 -11.77 5.44 19.05
N PRO B 82 -10.82 4.86 19.83
CA PRO B 82 -10.70 5.21 21.24
C PRO B 82 -10.56 6.74 21.41
N LYS B 83 -11.03 7.28 22.54
CA LYS B 83 -11.00 8.74 22.81
C LYS B 83 -9.65 9.15 23.45
N GLU B 84 -9.03 8.29 24.25
CA GLU B 84 -7.75 8.61 24.95
C GLU B 84 -6.56 8.45 23.98
N LYS B 85 -5.65 9.43 24.01
CA LYS B 85 -4.57 9.68 23.01
C LYS B 85 -3.72 8.42 22.77
N ASP B 86 -3.16 7.82 23.82
CA ASP B 86 -2.23 6.66 23.71
C ASP B 86 -2.98 5.42 23.18
N GLU B 87 -4.14 5.10 23.73
CA GLU B 87 -4.98 3.95 23.30
C GLU B 87 -5.41 4.17 21.84
N LYS B 88 -5.69 5.42 21.46
CA LYS B 88 -6.12 5.77 20.07
C LYS B 88 -5.02 5.39 19.07
N ILE B 89 -3.80 5.84 19.35
CA ILE B 89 -2.63 5.68 18.44
C ILE B 89 -2.35 4.17 18.30
N ALA B 90 -2.36 3.45 19.43
CA ALA B 90 -2.11 1.99 19.48
C ALA B 90 -3.20 1.24 18.70
N TRP B 91 -4.45 1.68 18.78
CA TRP B 91 -5.55 1.07 18.01
C TRP B 91 -5.40 1.41 16.52
N ALA B 92 -5.15 2.68 16.18
CA ALA B 92 -5.03 3.12 14.76
C ALA B 92 -3.88 2.35 14.07
N LEU B 93 -2.72 2.23 14.73
CA LEU B 93 -1.47 1.71 14.13
C LEU B 93 -1.39 0.20 14.23
N SER B 94 -2.43 -0.44 14.75
CA SER B 94 -2.62 -1.90 14.69
C SER B 94 -3.81 -2.25 13.79
N ARG B 95 -4.43 -1.29 13.10
CA ARG B 95 -5.46 -1.62 12.08
C ARG B 95 -4.74 -2.13 10.83
N LYS B 96 -5.31 -3.17 10.20
CA LYS B 96 -4.83 -3.66 8.89
C LYS B 96 -5.20 -2.63 7.85
N ALA B 97 -4.47 -2.58 6.73
CA ALA B 97 -4.95 -1.92 5.49
C ALA B 97 -5.22 -0.43 5.76
N THR B 98 -4.26 0.27 6.34
CA THR B 98 -4.39 1.74 6.50
C THR B 98 -3.60 2.43 5.41
N LEU B 99 -3.98 3.67 5.16
CA LEU B 99 -3.33 4.56 4.20
C LEU B 99 -2.78 5.72 5.03
N GLU B 100 -1.47 5.90 4.98
CA GLU B 100 -0.74 6.96 5.68
C GLU B 100 -0.38 8.06 4.66
N LEU B 101 -0.94 9.25 4.83
CA LEU B 101 -0.67 10.40 3.94
C LEU B 101 0.33 11.30 4.66
N THR B 102 1.46 11.56 4.03
CA THR B 102 2.51 12.43 4.61
C THR B 102 2.37 13.83 4.00
N HIS B 103 2.14 14.85 4.84
CA HIS B 103 2.08 16.26 4.42
C HIS B 103 3.33 17.00 4.93
N ASN B 104 4.26 17.29 4.04
CA ASN B 104 5.41 18.19 4.29
C ASN B 104 4.90 19.63 4.25
N TRP B 105 4.71 20.26 5.41
CA TRP B 105 4.08 21.61 5.54
C TRP B 105 4.60 22.54 4.44
N GLY B 106 3.69 23.25 3.75
CA GLY B 106 4.04 24.30 2.78
C GLY B 106 3.89 23.88 1.34
N THR B 107 3.92 22.56 1.05
CA THR B 107 3.78 22.06 -0.33
C THR B 107 2.46 22.52 -0.92
N GLU B 108 1.42 22.73 -0.10
CA GLU B 108 0.08 23.14 -0.59
C GLU B 108 0.13 24.58 -1.13
N ASP B 109 1.17 25.37 -0.79
CA ASP B 109 1.29 26.81 -1.13
C ASP B 109 2.23 26.99 -2.33
N ASP B 110 2.66 25.91 -2.97
CA ASP B 110 3.81 25.88 -3.92
C ASP B 110 3.32 25.42 -5.30
N GLU B 111 3.07 26.37 -6.21
CA GLU B 111 2.45 26.15 -7.55
C GLU B 111 3.23 25.11 -8.36
N THR B 112 4.57 25.04 -8.23
CA THR B 112 5.45 24.17 -9.06
C THR B 112 5.50 22.71 -8.55
N GLN B 113 5.61 22.53 -7.23
CA GLN B 113 5.73 21.21 -6.55
C GLN B 113 4.60 20.26 -6.99
N SER B 114 4.91 19.01 -7.34
CA SER B 114 3.93 17.90 -7.37
C SER B 114 4.65 16.58 -7.09
N TYR B 115 3.92 15.59 -6.59
CA TYR B 115 4.52 14.26 -6.28
C TYR B 115 4.40 13.43 -7.54
N HIS B 116 5.21 12.38 -7.65
CA HIS B 116 5.29 11.46 -8.80
C HIS B 116 4.53 10.17 -8.45
N ASN B 117 3.64 9.69 -9.34
CA ASN B 117 2.66 8.63 -9.01
C ASN B 117 3.27 7.24 -9.28
N GLY B 118 4.49 7.18 -9.82
CA GLY B 118 5.23 5.93 -10.12
C GLY B 118 4.79 5.21 -11.40
N ASN B 119 3.91 5.76 -12.22
CA ASN B 119 3.39 5.08 -13.44
C ASN B 119 3.97 5.70 -14.71
N SER B 120 4.91 6.64 -14.58
CA SER B 120 5.80 7.08 -15.69
C SER B 120 7.24 6.99 -15.18
N ASP B 121 8.23 6.97 -16.08
CA ASP B 121 9.67 6.91 -15.70
C ASP B 121 9.97 7.97 -14.64
N PRO B 122 10.66 7.62 -13.53
CA PRO B 122 11.01 6.24 -13.20
C PRO B 122 9.85 5.53 -12.49
N ARG B 123 9.49 4.33 -12.91
CA ARG B 123 8.36 3.55 -12.34
C ARG B 123 8.82 2.78 -11.10
N GLY B 124 7.86 2.45 -10.24
CA GLY B 124 8.05 1.62 -9.04
C GLY B 124 6.70 1.24 -8.47
N PHE B 125 6.24 1.95 -7.44
CA PHE B 125 4.85 1.88 -6.94
C PHE B 125 3.92 2.13 -8.13
N GLY B 126 2.82 1.39 -8.21
CA GLY B 126 1.81 1.60 -9.27
C GLY B 126 0.51 2.15 -8.72
N HIS B 127 -0.08 1.51 -7.70
CA HIS B 127 -1.46 1.85 -7.29
C HIS B 127 -1.79 1.27 -5.91
N ILE B 128 -2.79 1.83 -5.27
CA ILE B 128 -3.62 1.12 -4.27
C ILE B 128 -4.87 0.66 -5.01
N GLY B 129 -5.60 -0.27 -4.41
CA GLY B 129 -6.81 -0.87 -4.98
C GLY B 129 -7.87 -1.00 -3.93
N ILE B 130 -9.08 -0.58 -4.28
CA ILE B 130 -10.30 -0.66 -3.43
C ILE B 130 -11.20 -1.73 -4.04
N ALA B 131 -11.62 -2.73 -3.26
CA ALA B 131 -12.60 -3.73 -3.67
C ALA B 131 -13.99 -3.18 -3.34
N VAL B 132 -14.90 -3.26 -4.30
CA VAL B 132 -16.28 -2.69 -4.14
C VAL B 132 -17.27 -3.76 -4.54
N PRO B 133 -18.54 -3.69 -4.07
CA PRO B 133 -19.55 -4.64 -4.52
C PRO B 133 -19.96 -4.44 -5.99
N ASP B 134 -19.83 -3.23 -6.54
CA ASP B 134 -20.25 -2.92 -7.93
C ASP B 134 -19.37 -1.82 -8.52
N VAL B 135 -18.51 -2.18 -9.47
CA VAL B 135 -17.57 -1.23 -10.10
C VAL B 135 -18.35 -0.17 -10.90
N TYR B 136 -19.45 -0.54 -11.55
CA TYR B 136 -20.20 0.36 -12.47
C TYR B 136 -20.92 1.43 -11.65
N SER B 137 -21.61 1.06 -10.58
CA SER B 137 -22.32 2.06 -9.73
C SER B 137 -21.31 2.95 -9.01
N ALA B 138 -20.21 2.38 -8.51
CA ALA B 138 -19.16 3.16 -7.80
C ALA B 138 -18.61 4.21 -8.77
N CYS B 139 -18.30 3.79 -9.98
CA CYS B 139 -17.69 4.65 -11.03
C CYS B 139 -18.69 5.69 -11.53
N LYS B 140 -19.98 5.36 -11.64
CA LYS B 140 -21.03 6.35 -12.00
C LYS B 140 -20.98 7.50 -10.96
N ARG B 141 -20.95 7.14 -9.67
CA ARG B 141 -20.88 8.14 -8.59
C ARG B 141 -19.55 8.91 -8.71
N PHE B 142 -18.44 8.23 -8.98
CA PHE B 142 -17.12 8.92 -9.08
C PHE B 142 -17.21 9.97 -10.19
N GLU B 143 -17.79 9.61 -11.35
CA GLU B 143 -17.96 10.53 -12.50
C GLU B 143 -18.73 11.76 -12.01
N GLU B 144 -19.84 11.54 -11.29
CA GLU B 144 -20.73 12.66 -10.86
C GLU B 144 -19.99 13.55 -9.88
N LEU B 145 -19.03 13.00 -9.14
CA LEU B 145 -18.29 13.77 -8.11
C LEU B 145 -17.00 14.35 -8.70
N GLY B 146 -16.84 14.36 -10.01
CA GLY B 146 -15.73 15.07 -10.69
C GLY B 146 -14.42 14.30 -10.64
N VAL B 147 -14.47 13.01 -10.32
CA VAL B 147 -13.23 12.19 -10.16
C VAL B 147 -12.57 12.00 -11.52
N LYS B 148 -11.25 12.16 -11.60
CA LYS B 148 -10.48 11.90 -12.85
C LYS B 148 -10.20 10.40 -12.97
N PHE B 149 -10.43 9.87 -14.16
CA PHE B 149 -10.27 8.44 -14.50
C PHE B 149 -8.97 8.25 -15.26
N VAL B 150 -8.25 7.18 -14.92
CA VAL B 150 -7.15 6.61 -15.75
C VAL B 150 -7.76 5.58 -16.70
N LYS B 151 -8.75 4.82 -16.24
CA LYS B 151 -9.40 3.75 -17.03
C LYS B 151 -10.85 3.63 -16.55
N LYS B 152 -11.80 3.93 -17.41
CA LYS B 152 -13.25 3.69 -17.13
C LYS B 152 -13.47 2.19 -17.22
N PRO B 153 -14.43 1.64 -16.45
CA PRO B 153 -14.58 0.21 -16.31
C PRO B 153 -14.67 -0.57 -17.62
N ASP B 154 -15.31 -0.03 -18.66
CA ASP B 154 -15.53 -0.73 -19.95
C ASP B 154 -14.60 -0.17 -21.03
N ASP B 155 -13.63 0.69 -20.68
CA ASP B 155 -12.63 1.17 -21.67
C ASP B 155 -11.41 0.25 -21.55
N GLY B 156 -10.82 -0.13 -22.68
CA GLY B 156 -9.65 -1.02 -22.74
C GLY B 156 -10.06 -2.48 -22.72
N LYS B 157 -9.07 -3.38 -22.61
CA LYS B 157 -9.23 -4.85 -22.79
C LYS B 157 -10.10 -5.44 -21.67
N MET B 158 -9.74 -5.14 -20.44
CA MET B 158 -10.31 -5.83 -19.25
C MET B 158 -11.48 -5.03 -18.71
N LYS B 159 -12.68 -5.55 -18.93
CA LYS B 159 -13.97 -4.89 -18.64
C LYS B 159 -14.31 -5.15 -17.19
N GLY B 160 -15.00 -4.21 -16.55
CA GLY B 160 -15.47 -4.35 -15.14
C GLY B 160 -14.36 -4.06 -14.16
N LEU B 161 -13.31 -3.37 -14.60
CA LEU B 161 -12.16 -2.95 -13.78
C LEU B 161 -11.85 -1.49 -14.09
N ALA B 162 -11.70 -0.64 -13.08
CA ALA B 162 -11.48 0.81 -13.30
C ALA B 162 -10.20 1.27 -12.57
N PHE B 163 -9.62 2.37 -13.04
CA PHE B 163 -8.61 3.14 -12.29
C PHE B 163 -9.06 4.60 -12.25
N ILE B 164 -9.09 5.15 -11.04
CA ILE B 164 -9.28 6.59 -10.78
C ILE B 164 -7.97 7.16 -10.26
N GLN B 165 -7.92 8.48 -10.08
CA GLN B 165 -6.71 9.10 -9.49
C GLN B 165 -7.16 10.06 -8.41
N ASP B 166 -6.31 10.16 -7.39
CA ASP B 166 -6.55 11.00 -6.20
C ASP B 166 -6.04 12.40 -6.55
N PRO B 167 -6.23 13.38 -5.65
CA PRO B 167 -5.79 14.75 -5.92
C PRO B 167 -4.29 14.89 -6.25
N ASP B 168 -3.44 13.96 -5.82
CA ASP B 168 -2.00 14.03 -6.18
C ASP B 168 -1.73 13.30 -7.49
N GLY B 169 -2.73 12.63 -8.07
CA GLY B 169 -2.52 11.85 -9.30
C GLY B 169 -2.12 10.41 -9.05
N TYR B 170 -2.14 9.90 -7.80
CA TYR B 170 -1.94 8.47 -7.51
C TYR B 170 -3.12 7.67 -8.10
N TRP B 171 -2.79 6.55 -8.75
CA TRP B 171 -3.77 5.60 -9.31
C TRP B 171 -4.38 4.74 -8.21
N ILE B 172 -5.69 4.58 -8.32
CA ILE B 172 -6.49 3.72 -7.42
C ILE B 172 -7.33 2.80 -8.30
N GLU B 173 -7.01 1.51 -8.21
CA GLU B 173 -7.78 0.43 -8.86
C GLU B 173 -9.13 0.31 -8.17
N ILE B 174 -10.19 0.20 -8.96
CA ILE B 174 -11.57 -0.07 -8.44
C ILE B 174 -11.97 -1.45 -8.98
N LEU B 175 -12.08 -2.46 -8.11
CA LEU B 175 -12.24 -3.88 -8.54
C LEU B 175 -13.37 -4.56 -7.78
N ASN B 176 -14.06 -5.49 -8.46
CA ASN B 176 -15.04 -6.40 -7.84
C ASN B 176 -14.39 -7.77 -7.72
N PRO B 177 -14.05 -8.24 -6.50
CA PRO B 177 -13.39 -9.54 -6.34
C PRO B 177 -14.12 -10.68 -7.06
N ASN B 178 -15.45 -10.62 -7.18
CA ASN B 178 -16.27 -11.68 -7.82
C ASN B 178 -16.17 -11.61 -9.35
N LYS B 179 -15.56 -10.58 -9.92
CA LYS B 179 -15.50 -10.43 -11.40
C LYS B 179 -14.07 -10.61 -11.92
N MET B 180 -13.08 -10.83 -11.05
CA MET B 180 -11.65 -10.85 -11.48
C MET B 180 -11.30 -12.18 -12.17
N ALA B 181 -11.95 -13.28 -11.76
CA ALA B 181 -11.78 -14.61 -12.40
C ALA B 181 -12.08 -14.53 -13.90
N THR B 182 -13.02 -13.68 -14.33
CA THR B 182 -13.47 -13.51 -15.74
C THR B 182 -12.44 -12.69 -16.55
N LEU B 183 -11.31 -12.27 -15.95
CA LEU B 183 -10.20 -11.56 -16.65
C LEU B 183 -8.94 -12.43 -16.70
N MET B 184 -8.77 -13.34 -15.72
CA MET B 184 -7.47 -13.92 -15.28
C MET B 184 -6.78 -14.62 -16.47
ZN ZN C . 4.93 4.89 8.05
O1 5ZO D . 13.54 7.45 8.53
C1 5ZO D . 13.52 7.06 7.15
C2 5ZO D . 12.34 7.66 9.17
C3 5ZO D . 11.13 7.82 8.49
C4 5ZO D . 9.97 8.05 9.21
C5 5ZO D . 12.35 7.69 10.56
C6 5ZO D . 11.18 7.90 11.25
C7 5ZO D . 9.96 8.08 10.60
C8 5ZO D . 8.73 8.29 11.39
C9 5ZO D . 7.54 7.66 11.27
C10 5ZO D . 7.29 6.78 10.05
C11 5ZO D . 6.53 7.52 8.97
O2 5ZO D . 5.69 6.89 8.35
O3 5ZO D . 6.80 8.72 8.76
C12 5ZO D . 6.46 7.75 12.19
N1 5ZO D . 5.25 7.29 11.97
C13 5ZO D . 4.43 7.52 13.06
C14 5ZO D . 3.10 7.14 13.17
C15 5ZO D . 2.41 7.46 14.33
C16 5ZO D . 3.03 8.13 15.38
C17 5ZO D . 4.35 8.51 15.30
C18 5ZO D . 5.04 8.20 14.13
S1 5ZO D . 6.68 8.52 13.74
ZN ZN E . -3.90 -4.04 -9.00
O1 5ZO F . -4.60 0.00 -16.94
C1 5ZO F . -3.92 1.00 -16.18
C2 5ZO F . -4.69 -1.26 -16.41
C3 5ZO F . -5.64 -2.13 -16.92
C4 5ZO F . -5.77 -3.39 -16.40
C5 5ZO F . -3.84 -1.68 -15.40
C6 5ZO F . -3.97 -2.97 -14.89
C7 5ZO F . -4.95 -3.85 -15.37
C8 5ZO F . -5.09 -5.21 -14.82
C9 5ZO F . -5.10 -5.65 -13.55
C10 5ZO F . -4.72 -4.69 -12.43
C11 5ZO F . -3.25 -4.82 -12.08
O2 5ZO F . -2.92 -4.54 -10.93
O3 5ZO F . -2.46 -5.25 -12.94
C12 5ZO F . -5.46 -6.98 -13.16
N1 5ZO F . -5.31 -7.45 -11.94
C13 5ZO F . -5.87 -8.71 -11.82
C14 5ZO F . -5.92 -9.47 -10.65
C15 5ZO F . -6.51 -10.71 -10.69
C16 5ZO F . -7.07 -11.22 -11.86
C17 5ZO F . -7.02 -10.49 -13.03
C18 5ZO F . -6.44 -9.23 -13.00
S1 5ZO F . -6.22 -8.10 -14.28
#